data_5IE8
#
_entry.id   5IE8
#
_entity_poly.entity_id   1
_entity_poly.type   'polypeptide(L)'
_entity_poly.pdbx_seq_one_letter_code
;QEDPWRHFARTHAIGQIVPGKVTKLVPFGAFVRVEEGIEGLVHISELAERHVEVPDQVVAVGDDAMVKVIDIDLERRRIS
LSLKQANED
;
_entity_poly.pdbx_strand_id   A
#
# COMPACT_ATOMS: atom_id res chain seq x y z
N GLN A 1 -18.80 14.17 4.82
CA GLN A 1 -17.95 12.97 5.06
C GLN A 1 -18.60 11.74 4.43
N GLU A 2 -18.07 10.55 4.76
CA GLU A 2 -18.58 9.29 4.23
C GLU A 2 -18.42 9.28 2.69
N ASP A 3 -17.37 9.95 2.22
CA ASP A 3 -17.09 10.09 0.80
C ASP A 3 -15.84 9.25 0.44
N PRO A 4 -15.23 9.34 -0.79
CA PRO A 4 -14.10 8.52 -1.27
C PRO A 4 -13.34 7.67 -0.25
N TRP A 5 -12.70 8.30 0.74
CA TRP A 5 -11.94 7.57 1.76
C TRP A 5 -12.81 6.54 2.48
N ARG A 6 -14.03 6.95 2.80
CA ARG A 6 -15.03 6.04 3.34
C ARG A 6 -15.41 5.00 2.30
N HIS A 7 -15.53 5.46 1.07
CA HIS A 7 -16.02 4.64 -0.02
C HIS A 7 -15.18 3.39 -0.18
N PHE A 8 -13.87 3.52 0.04
CA PHE A 8 -12.97 2.38 -0.01
C PHE A 8 -13.46 1.28 0.93
N ALA A 9 -13.78 1.67 2.15
CA ALA A 9 -14.24 0.75 3.19
C ALA A 9 -15.48 -0.01 2.75
N ARG A 10 -16.38 0.68 2.06
CA ARG A 10 -17.65 0.10 1.63
C ARG A 10 -17.54 -0.57 0.27
N THR A 11 -16.35 -0.57 -0.31
CA THR A 11 -16.18 -1.09 -1.67
C THR A 11 -15.16 -2.21 -1.72
N HIS A 12 -14.14 -2.14 -0.89
CA HIS A 12 -13.06 -3.12 -0.93
C HIS A 12 -12.99 -3.88 0.37
N ALA A 13 -12.96 -5.19 0.27
CA ALA A 13 -12.84 -6.05 1.44
C ALA A 13 -11.42 -6.04 1.96
N ILE A 14 -11.26 -5.86 3.26
CA ILE A 14 -9.95 -5.82 3.87
C ILE A 14 -9.35 -7.21 3.93
N GLY A 15 -8.06 -7.32 3.61
CA GLY A 15 -7.40 -8.60 3.66
C GLY A 15 -7.16 -9.20 2.29
N GLN A 16 -7.73 -8.57 1.27
CA GLN A 16 -7.54 -9.05 -0.10
C GLN A 16 -6.25 -8.47 -0.70
N ILE A 17 -5.68 -9.22 -1.63
CA ILE A 17 -4.47 -8.79 -2.31
C ILE A 17 -4.84 -8.11 -3.63
N VAL A 18 -4.45 -6.85 -3.77
CA VAL A 18 -4.87 -6.06 -4.93
C VAL A 18 -3.67 -5.38 -5.60
N PRO A 19 -3.61 -5.42 -6.94
CA PRO A 19 -2.61 -4.69 -7.71
C PRO A 19 -2.77 -3.18 -7.57
N GLY A 20 -1.71 -2.54 -7.13
CA GLY A 20 -1.71 -1.10 -7.01
C GLY A 20 -0.58 -0.49 -7.81
N LYS A 21 -0.42 0.81 -7.70
CA LYS A 21 0.61 1.51 -8.47
C LYS A 21 1.48 2.35 -7.55
N VAL A 22 2.73 1.95 -7.41
CA VAL A 22 3.68 2.68 -6.57
C VAL A 22 4.05 4.00 -7.26
N THR A 23 3.42 5.07 -6.81
CA THR A 23 3.61 6.36 -7.44
C THR A 23 4.80 7.08 -6.83
N LYS A 24 4.91 7.05 -5.52
CA LYS A 24 5.99 7.72 -4.84
C LYS A 24 6.67 6.79 -3.86
N LEU A 25 7.89 7.15 -3.48
CA LEU A 25 8.65 6.33 -2.55
C LEU A 25 9.62 7.16 -1.73
N VAL A 26 9.92 6.69 -0.54
CA VAL A 26 10.89 7.31 0.36
C VAL A 26 11.51 6.22 1.22
N PRO A 27 12.75 6.47 1.72
CA PRO A 27 13.57 5.44 2.38
C PRO A 27 12.89 4.66 3.50
N PHE A 28 11.76 5.16 4.01
CA PHE A 28 11.06 4.50 5.09
C PHE A 28 9.77 3.82 4.62
N GLY A 29 9.27 4.19 3.46
CA GLY A 29 8.00 3.65 2.98
C GLY A 29 7.67 4.05 1.57
N ALA A 30 6.78 3.31 0.91
CA ALA A 30 6.40 3.64 -0.46
C ALA A 30 4.90 3.84 -0.57
N PHE A 31 4.47 4.70 -1.48
CA PHE A 31 3.05 5.02 -1.63
C PHE A 31 2.47 4.36 -2.85
N VAL A 32 1.51 3.48 -2.63
CA VAL A 32 0.83 2.79 -3.71
C VAL A 32 -0.57 3.38 -3.92
N ARG A 33 -0.92 3.61 -5.18
CA ARG A 33 -2.24 4.12 -5.54
C ARG A 33 -3.23 2.97 -5.65
N VAL A 34 -4.17 2.91 -4.72
CA VAL A 34 -5.20 1.88 -4.72
C VAL A 34 -6.54 2.46 -5.16
N GLU A 35 -6.87 3.63 -4.66
CA GLU A 35 -8.08 4.33 -5.05
C GLU A 35 -7.81 5.82 -5.04
N GLU A 36 -8.47 6.56 -5.91
CA GLU A 36 -8.18 7.99 -6.10
C GLU A 36 -8.31 8.76 -4.79
N GLY A 37 -7.19 9.30 -4.33
CA GLY A 37 -7.19 10.08 -3.11
C GLY A 37 -6.57 9.34 -1.94
N ILE A 38 -6.47 8.02 -2.02
CA ILE A 38 -5.87 7.27 -0.95
C ILE A 38 -4.61 6.53 -1.42
N GLU A 39 -3.52 6.75 -0.70
CA GLU A 39 -2.24 6.13 -1.04
C GLU A 39 -1.72 5.33 0.13
N GLY A 40 -1.27 4.12 -0.16
CA GLY A 40 -0.83 3.22 0.89
C GLY A 40 0.66 3.25 1.07
N LEU A 41 1.09 3.52 2.30
CA LEU A 41 2.52 3.54 2.59
C LEU A 41 2.96 2.16 3.05
N VAL A 42 4.06 1.68 2.49
CA VAL A 42 4.57 0.38 2.85
C VAL A 42 5.97 0.52 3.44
N HIS A 43 6.09 0.19 4.73
CA HIS A 43 7.35 0.40 5.44
C HIS A 43 8.47 -0.39 4.78
N ILE A 44 9.69 0.13 4.93
CA ILE A 44 10.88 -0.45 4.33
C ILE A 44 11.03 -1.94 4.66
N SER A 45 10.47 -2.34 5.79
CA SER A 45 10.55 -3.72 6.24
C SER A 45 9.48 -4.60 5.56
N GLU A 46 8.40 -3.96 5.13
CA GLU A 46 7.30 -4.68 4.51
C GLU A 46 7.63 -5.02 3.07
N LEU A 47 8.71 -4.41 2.58
CA LEU A 47 9.16 -4.64 1.23
C LEU A 47 9.93 -5.95 1.12
N ALA A 48 10.89 -6.12 2.03
CA ALA A 48 11.75 -7.30 2.00
C ALA A 48 12.30 -7.62 3.37
N GLU A 49 12.78 -8.84 3.52
CA GLU A 49 13.27 -9.35 4.80
C GLU A 49 14.72 -8.95 5.02
N ARG A 50 15.36 -8.47 3.97
CA ARG A 50 16.76 -8.09 4.04
C ARG A 50 16.90 -6.57 4.05
N HIS A 51 18.13 -6.10 4.19
CA HIS A 51 18.44 -4.67 4.18
C HIS A 51 18.04 -4.03 2.85
N VAL A 52 16.96 -3.26 2.87
CA VAL A 52 16.61 -2.43 1.74
C VAL A 52 16.95 -0.99 2.05
N GLU A 53 17.81 -0.40 1.23
CA GLU A 53 18.27 0.97 1.42
C GLU A 53 17.13 1.94 1.12
N VAL A 54 16.64 1.86 -0.11
CA VAL A 54 15.50 2.64 -0.54
C VAL A 54 14.55 1.70 -1.28
N PRO A 55 13.23 1.89 -1.07
CA PRO A 55 12.18 1.10 -1.73
C PRO A 55 12.41 0.86 -3.21
N ASP A 56 13.18 1.76 -3.84
CA ASP A 56 13.48 1.67 -5.28
C ASP A 56 14.04 0.31 -5.66
N GLN A 57 14.74 -0.34 -4.72
CA GLN A 57 15.34 -1.65 -4.98
C GLN A 57 14.26 -2.65 -5.38
N VAL A 58 13.12 -2.58 -4.70
CA VAL A 58 12.05 -3.54 -4.90
C VAL A 58 10.95 -2.94 -5.76
N VAL A 59 10.57 -1.71 -5.45
CA VAL A 59 9.51 -1.02 -6.15
C VAL A 59 9.93 0.40 -6.52
N ALA A 60 9.96 0.68 -7.80
CA ALA A 60 10.28 2.01 -8.28
C ALA A 60 9.02 2.72 -8.73
N VAL A 61 9.15 4.01 -8.99
CA VAL A 61 8.03 4.80 -9.47
C VAL A 61 7.35 4.14 -10.67
N GLY A 62 6.06 3.90 -10.57
CA GLY A 62 5.32 3.34 -11.68
C GLY A 62 5.13 1.84 -11.55
N ASP A 63 5.70 1.24 -10.50
CA ASP A 63 5.59 -0.20 -10.29
C ASP A 63 4.15 -0.59 -10.02
N ASP A 64 3.69 -1.62 -10.72
CA ASP A 64 2.34 -2.12 -10.53
C ASP A 64 2.40 -3.47 -9.80
N ALA A 65 2.10 -3.46 -8.53
CA ALA A 65 2.26 -4.67 -7.71
C ALA A 65 1.02 -4.95 -6.88
N MET A 66 0.67 -6.23 -6.78
CA MET A 66 -0.42 -6.66 -5.92
C MET A 66 0.05 -6.79 -4.49
N VAL A 67 -0.60 -6.04 -3.61
CA VAL A 67 -0.23 -6.02 -2.21
C VAL A 67 -1.47 -6.32 -1.37
N LYS A 68 -1.25 -6.86 -0.18
CA LYS A 68 -2.36 -7.15 0.73
C LYS A 68 -2.76 -5.90 1.51
N VAL A 69 -4.01 -5.52 1.37
CA VAL A 69 -4.57 -4.45 2.18
C VAL A 69 -4.76 -4.95 3.60
N ILE A 70 -3.89 -4.52 4.50
CA ILE A 70 -3.90 -4.99 5.88
C ILE A 70 -4.75 -4.11 6.76
N ASP A 71 -4.92 -2.85 6.37
CA ASP A 71 -5.71 -1.92 7.16
C ASP A 71 -6.10 -0.69 6.35
N ILE A 72 -7.08 0.03 6.84
CA ILE A 72 -7.57 1.25 6.21
C ILE A 72 -7.81 2.31 7.28
N ASP A 73 -7.14 3.45 7.14
CA ASP A 73 -7.29 4.54 8.07
C ASP A 73 -7.95 5.69 7.38
N LEU A 74 -9.24 5.54 7.14
CA LEU A 74 -9.97 6.46 6.30
C LEU A 74 -10.21 7.81 7.01
N GLU A 75 -9.97 7.85 8.32
CA GLU A 75 -10.12 9.09 9.08
C GLU A 75 -8.84 9.92 9.04
N ARG A 76 -7.75 9.29 8.61
CA ARG A 76 -6.48 10.00 8.42
C ARG A 76 -6.10 9.97 6.95
N ARG A 77 -7.00 9.38 6.16
CA ARG A 77 -6.85 9.23 4.72
C ARG A 77 -5.62 8.41 4.37
N ARG A 78 -5.43 7.32 5.11
CA ARG A 78 -4.27 6.45 4.93
C ARG A 78 -4.71 5.01 4.70
N ILE A 79 -3.86 4.22 4.08
CA ILE A 79 -4.12 2.80 3.89
C ILE A 79 -2.82 2.02 4.08
N SER A 80 -2.93 0.84 4.67
CA SER A 80 -1.76 0.04 5.01
C SER A 80 -1.71 -1.23 4.18
N LEU A 81 -0.53 -1.56 3.67
CA LEU A 81 -0.33 -2.78 2.89
C LEU A 81 1.06 -3.35 3.15
N SER A 82 1.23 -4.65 2.95
CA SER A 82 2.53 -5.29 3.09
C SER A 82 2.71 -6.39 2.05
N LEU A 83 3.83 -6.34 1.34
CA LEU A 83 4.17 -7.37 0.37
C LEU A 83 4.46 -8.68 1.05
N LYS A 84 4.92 -8.61 2.30
CA LYS A 84 5.24 -9.81 3.06
C LYS A 84 4.00 -10.68 3.22
N GLN A 85 2.93 -10.05 3.71
CA GLN A 85 1.67 -10.74 3.95
C GLN A 85 0.98 -11.11 2.63
N ALA A 86 1.23 -10.32 1.59
CA ALA A 86 0.70 -10.62 0.26
C ALA A 86 1.22 -11.97 -0.23
N ASN A 87 2.50 -12.22 0.01
CA ASN A 87 3.12 -13.50 -0.34
C ASN A 87 2.73 -14.57 0.66
N GLU A 88 2.51 -14.14 1.89
CA GLU A 88 2.16 -15.04 2.98
C GLU A 88 0.80 -15.69 2.78
N ASP A 89 -0.18 -14.90 2.36
CA ASP A 89 -1.53 -15.41 2.15
C ASP A 89 -1.81 -15.63 0.67
N GLN A 1 -22.43 11.51 1.36
CA GLN A 1 -21.53 12.12 2.37
C GLN A 1 -20.47 11.10 2.80
N GLU A 2 -20.17 10.16 1.91
CA GLU A 2 -19.20 9.13 2.20
C GLU A 2 -17.86 9.48 1.54
N ASP A 3 -17.08 10.30 2.24
CA ASP A 3 -15.80 10.81 1.73
C ASP A 3 -14.81 9.67 1.51
N PRO A 4 -13.88 9.85 0.53
CA PRO A 4 -12.89 8.86 0.10
C PRO A 4 -12.47 7.84 1.16
N TRP A 5 -11.85 8.31 2.24
CA TRP A 5 -11.35 7.45 3.30
C TRP A 5 -12.44 6.54 3.89
N ARG A 6 -13.60 7.13 4.12
CA ARG A 6 -14.73 6.41 4.69
C ARG A 6 -15.46 5.62 3.61
N HIS A 7 -15.37 6.11 2.39
CA HIS A 7 -15.93 5.45 1.22
C HIS A 7 -15.18 4.15 0.94
N PHE A 8 -13.85 4.22 0.99
CA PHE A 8 -13.01 3.06 0.74
C PHE A 8 -13.40 1.90 1.65
N ALA A 9 -13.53 2.20 2.93
CA ALA A 9 -13.82 1.19 3.94
C ALA A 9 -15.06 0.36 3.61
N ARG A 10 -16.10 1.03 3.12
CA ARG A 10 -17.36 0.36 2.83
C ARG A 10 -17.44 -0.15 1.39
N THR A 11 -16.61 0.41 0.52
CA THR A 11 -16.62 0.03 -0.89
C THR A 11 -15.66 -1.13 -1.18
N HIS A 12 -14.57 -1.20 -0.43
CA HIS A 12 -13.58 -2.24 -0.62
C HIS A 12 -13.51 -3.14 0.59
N ALA A 13 -12.91 -4.32 0.43
CA ALA A 13 -12.86 -5.31 1.48
C ALA A 13 -11.53 -5.23 2.23
N ILE A 14 -11.61 -5.00 3.53
CA ILE A 14 -10.43 -4.97 4.36
C ILE A 14 -9.80 -6.36 4.41
N GLY A 15 -8.57 -6.46 3.96
CA GLY A 15 -7.88 -7.73 3.94
C GLY A 15 -7.87 -8.34 2.55
N GLN A 16 -8.32 -7.59 1.56
CA GLN A 16 -8.31 -8.08 0.19
C GLN A 16 -6.92 -7.93 -0.42
N ILE A 17 -6.57 -8.84 -1.30
CA ILE A 17 -5.36 -8.73 -2.07
C ILE A 17 -5.69 -8.11 -3.42
N VAL A 18 -5.25 -6.88 -3.62
CA VAL A 18 -5.64 -6.13 -4.80
C VAL A 18 -4.42 -5.49 -5.45
N PRO A 19 -4.33 -5.55 -6.79
CA PRO A 19 -3.24 -4.91 -7.54
C PRO A 19 -3.17 -3.42 -7.31
N GLY A 20 -2.02 -2.98 -6.83
CA GLY A 20 -1.80 -1.58 -6.58
C GLY A 20 -0.81 -1.01 -7.56
N LYS A 21 -0.37 0.21 -7.32
CA LYS A 21 0.52 0.89 -8.25
C LYS A 21 1.38 1.89 -7.51
N VAL A 22 2.67 1.61 -7.46
CA VAL A 22 3.61 2.46 -6.76
C VAL A 22 3.81 3.77 -7.51
N THR A 23 3.14 4.83 -7.04
CA THR A 23 3.24 6.13 -7.66
C THR A 23 4.29 6.98 -6.97
N LYS A 24 4.66 6.58 -5.78
CA LYS A 24 5.63 7.31 -4.98
C LYS A 24 6.32 6.37 -4.02
N LEU A 25 7.60 6.56 -3.81
CA LEU A 25 8.31 5.80 -2.80
C LEU A 25 9.20 6.69 -1.96
N VAL A 26 9.23 6.42 -0.67
CA VAL A 26 10.00 7.20 0.28
C VAL A 26 10.80 6.26 1.17
N PRO A 27 11.84 6.74 1.88
CA PRO A 27 12.74 5.87 2.66
C PRO A 27 12.02 4.87 3.57
N PHE A 28 10.85 5.25 4.08
CA PHE A 28 10.15 4.41 5.04
C PHE A 28 8.88 3.78 4.45
N GLY A 29 8.76 3.73 3.13
CA GLY A 29 7.59 3.07 2.55
C GLY A 29 7.34 3.43 1.11
N ALA A 30 6.57 2.59 0.42
CA ALA A 30 6.21 2.85 -0.96
C ALA A 30 4.71 3.08 -1.09
N PHE A 31 4.34 4.22 -1.64
CA PHE A 31 2.95 4.63 -1.76
C PHE A 31 2.26 3.89 -2.90
N VAL A 32 1.37 2.99 -2.52
CA VAL A 32 0.61 2.21 -3.46
C VAL A 32 -0.72 2.88 -3.76
N ARG A 33 -0.90 3.27 -5.00
CA ARG A 33 -2.15 3.83 -5.48
C ARG A 33 -3.17 2.72 -5.68
N VAL A 34 -4.25 2.77 -4.93
CA VAL A 34 -5.27 1.73 -5.00
C VAL A 34 -6.62 2.29 -5.43
N GLU A 35 -6.92 3.51 -4.99
CA GLU A 35 -8.19 4.14 -5.29
C GLU A 35 -8.01 5.65 -5.38
N GLU A 36 -8.92 6.30 -6.10
CA GLU A 36 -8.86 7.74 -6.29
C GLU A 36 -8.91 8.46 -4.95
N GLY A 37 -7.81 9.11 -4.62
CA GLY A 37 -7.75 9.88 -3.39
C GLY A 37 -6.94 9.22 -2.30
N ILE A 38 -6.57 7.96 -2.48
CA ILE A 38 -5.81 7.28 -1.44
C ILE A 38 -4.56 6.58 -1.96
N GLU A 39 -3.43 6.93 -1.37
CA GLU A 39 -2.17 6.24 -1.58
C GLU A 39 -1.61 5.82 -0.24
N GLY A 40 -1.10 4.60 -0.13
CA GLY A 40 -0.61 4.12 1.14
C GLY A 40 0.77 3.50 1.03
N LEU A 41 1.61 3.79 2.01
CA LEU A 41 2.98 3.31 2.01
C LEU A 41 3.05 1.87 2.50
N VAL A 42 3.96 1.10 1.92
CA VAL A 42 4.25 -0.23 2.39
C VAL A 42 5.48 -0.18 3.28
N HIS A 43 5.45 -0.90 4.38
CA HIS A 43 6.50 -0.83 5.39
C HIS A 43 7.85 -1.20 4.79
N ILE A 44 8.90 -0.58 5.31
CA ILE A 44 10.27 -0.83 4.84
C ILE A 44 10.64 -2.30 5.08
N SER A 45 9.92 -2.94 6.00
CA SER A 45 10.12 -4.35 6.30
C SER A 45 9.64 -5.22 5.15
N GLU A 46 8.78 -4.65 4.31
CA GLU A 46 8.25 -5.33 3.15
C GLU A 46 9.34 -5.53 2.10
N LEU A 47 10.43 -4.79 2.27
CA LEU A 47 11.54 -4.83 1.35
C LEU A 47 12.51 -5.95 1.73
N ALA A 48 11.95 -7.05 2.26
CA ALA A 48 12.70 -8.20 2.74
C ALA A 48 13.36 -7.89 4.07
N GLU A 49 14.15 -8.83 4.57
CA GLU A 49 14.71 -8.73 5.91
C GLU A 49 16.10 -8.10 5.88
N ARG A 50 16.57 -7.77 4.68
CA ARG A 50 17.91 -7.21 4.52
C ARG A 50 17.91 -5.70 4.76
N HIS A 51 19.08 -5.10 4.63
CA HIS A 51 19.27 -3.68 4.82
C HIS A 51 18.88 -2.91 3.55
N VAL A 52 17.81 -2.13 3.62
CA VAL A 52 17.37 -1.34 2.47
C VAL A 52 17.15 0.12 2.87
N GLU A 53 17.86 1.02 2.19
CA GLU A 53 17.79 2.45 2.46
C GLU A 53 16.45 3.04 2.03
N VAL A 54 15.93 2.52 0.92
CA VAL A 54 14.72 3.06 0.32
C VAL A 54 14.12 2.01 -0.62
N PRO A 55 12.78 1.88 -0.61
CA PRO A 55 12.02 0.96 -1.48
C PRO A 55 12.50 0.97 -2.93
N ASP A 56 13.11 2.09 -3.33
CA ASP A 56 13.63 2.26 -4.68
C ASP A 56 14.68 1.22 -5.02
N GLN A 57 15.30 0.61 -4.00
CA GLN A 57 16.26 -0.46 -4.22
C GLN A 57 15.57 -1.69 -4.80
N VAL A 58 14.33 -1.89 -4.41
CA VAL A 58 13.59 -3.09 -4.78
C VAL A 58 12.60 -2.80 -5.89
N VAL A 59 11.75 -1.82 -5.66
CA VAL A 59 10.72 -1.45 -6.62
C VAL A 59 10.95 -0.04 -7.11
N ALA A 60 10.33 0.30 -8.23
CA ALA A 60 10.42 1.63 -8.77
C ALA A 60 9.04 2.21 -8.98
N VAL A 61 9.01 3.50 -9.24
CA VAL A 61 7.78 4.17 -9.58
C VAL A 61 7.15 3.51 -10.81
N GLY A 62 5.86 3.26 -10.76
CA GLY A 62 5.18 2.64 -11.87
C GLY A 62 4.93 1.16 -11.66
N ASP A 63 5.42 0.63 -10.54
CA ASP A 63 5.26 -0.79 -10.25
C ASP A 63 3.81 -1.13 -9.94
N ASP A 64 3.26 -2.08 -10.67
CA ASP A 64 1.89 -2.56 -10.46
C ASP A 64 1.94 -3.99 -9.90
N ALA A 65 1.52 -4.17 -8.66
CA ALA A 65 1.62 -5.47 -8.00
C ALA A 65 0.45 -5.69 -7.05
N MET A 66 0.07 -6.95 -6.86
CA MET A 66 -1.03 -7.29 -5.96
C MET A 66 -0.56 -7.27 -4.51
N VAL A 67 -1.19 -6.42 -3.71
CA VAL A 67 -0.81 -6.26 -2.32
C VAL A 67 -2.04 -6.42 -1.43
N LYS A 68 -1.83 -6.88 -0.21
CA LYS A 68 -2.94 -7.05 0.72
C LYS A 68 -3.19 -5.78 1.51
N VAL A 69 -4.44 -5.32 1.46
CA VAL A 69 -4.87 -4.20 2.28
C VAL A 69 -5.03 -4.65 3.73
N ILE A 70 -4.04 -4.34 4.55
CA ILE A 70 -4.00 -4.80 5.92
C ILE A 70 -4.64 -3.78 6.87
N ASP A 71 -4.73 -2.54 6.42
CA ASP A 71 -5.31 -1.47 7.25
C ASP A 71 -5.71 -0.28 6.40
N ILE A 72 -6.56 0.56 6.97
CA ILE A 72 -7.00 1.78 6.33
C ILE A 72 -7.03 2.91 7.35
N ASP A 73 -6.20 3.92 7.12
CA ASP A 73 -6.14 5.05 8.01
C ASP A 73 -7.23 6.04 7.67
N LEU A 74 -8.31 5.91 8.41
CA LEU A 74 -9.50 6.71 8.20
C LEU A 74 -9.19 8.21 8.29
N GLU A 75 -8.53 8.62 9.37
CA GLU A 75 -8.27 10.03 9.60
C GLU A 75 -6.94 10.50 9.03
N ARG A 76 -6.05 9.58 8.65
CA ARG A 76 -4.77 9.98 8.07
C ARG A 76 -4.80 9.88 6.56
N ARG A 77 -5.95 9.43 6.04
CA ARG A 77 -6.17 9.25 4.62
C ARG A 77 -5.09 8.40 3.97
N ARG A 78 -4.76 7.31 4.63
CA ARG A 78 -3.71 6.41 4.16
C ARG A 78 -4.22 4.98 4.16
N ILE A 79 -3.45 4.09 3.54
CA ILE A 79 -3.81 2.69 3.49
C ILE A 79 -2.56 1.83 3.67
N SER A 80 -2.68 0.79 4.47
CA SER A 80 -1.55 -0.07 4.75
C SER A 80 -1.63 -1.36 3.95
N LEU A 81 -0.55 -1.71 3.30
CA LEU A 81 -0.50 -2.92 2.50
C LEU A 81 0.84 -3.63 2.68
N SER A 82 0.81 -4.96 2.64
CA SER A 82 2.04 -5.74 2.74
C SER A 82 2.09 -6.81 1.66
N LEU A 83 3.19 -6.81 0.92
CA LEU A 83 3.43 -7.80 -0.11
C LEU A 83 3.67 -9.17 0.50
N LYS A 84 4.17 -9.22 1.73
CA LYS A 84 4.42 -10.49 2.40
C LYS A 84 3.13 -11.29 2.50
N GLN A 85 2.07 -10.60 2.90
CA GLN A 85 0.78 -11.24 3.07
C GLN A 85 0.15 -11.62 1.73
N ALA A 86 0.44 -10.84 0.69
CA ALA A 86 -0.07 -11.14 -0.64
C ALA A 86 0.63 -12.38 -1.22
N ASN A 87 1.88 -12.58 -0.85
CA ASN A 87 2.63 -13.77 -1.23
C ASN A 87 2.16 -14.97 -0.39
N GLU A 88 1.71 -14.68 0.81
CA GLU A 88 1.29 -15.71 1.77
C GLU A 88 0.05 -16.45 1.26
N ASP A 89 -0.83 -15.74 0.57
CA ASP A 89 -2.06 -16.35 0.04
C ASP A 89 -1.74 -17.24 -1.14
#